data_5B7P
#
_entry.id   5B7P
#
_cell.length_a   102.725
_cell.length_b   102.725
_cell.length_c   118.653
_cell.angle_alpha   90.00
_cell.angle_beta   90.00
_cell.angle_gamma   120.00
#
_symmetry.space_group_name_H-M   'P 31 2 1'
#
loop_
_entity.id
_entity.type
_entity.pdbx_description
1 polymer 'MTA/SAH nucleosidase'
2 non-polymer "5'-DEOXY-5'-METHYLTHIOADENOSINE"
3 water water
#
_entity_poly.entity_id   1
_entity_poly.type   'polypeptide(L)'
_entity_poly.pdbx_seq_one_letter_code
;ASAPILIQGAMDVEVETLVAALKDKQELTVGSWTYWQGTLSGYPVVVSRTEVGLANAAAATTLAMERFQPRLVINQGTAG
GHDPALHRGDIVIGTKSFNMGAYRSDLTPAEQGVDPSKWHNFEVTMRLRDNGKLVEHSSFAGDPELVGRALGMADRYRHG
RVVPGIIGTADEWNRQVARINWLHQTYQTAAEEMETSSAALVAEAYKVPFVGIRVLSNTDLHGEEFDPQTAIHCQQFVID
YAKALINGF
;
_entity_poly.pdbx_strand_id   A,B
#
loop_
_chem_comp.id
_chem_comp.type
_chem_comp.name
_chem_comp.formula
MTA non-polymer 5'-DEOXY-5'-METHYLTHIOADENOSINE 'C11 H15 N5 O3 S'
#
# COMPACT_ATOMS: atom_id res chain seq x y z
N ALA A 1 19.18 26.07 1.56
CA ALA A 1 19.33 24.76 2.22
C ALA A 1 19.31 23.64 1.17
N SER A 2 20.12 22.61 1.39
CA SER A 2 20.28 21.54 0.42
C SER A 2 19.25 20.44 0.63
N ALA A 3 18.67 19.93 -0.45
CA ALA A 3 17.65 18.91 -0.31
C ALA A 3 18.27 17.59 0.15
N PRO A 4 17.66 16.94 1.15
CA PRO A 4 18.29 15.76 1.73
C PRO A 4 18.19 14.51 0.86
N ILE A 5 19.12 13.59 1.10
CA ILE A 5 18.93 12.20 0.70
C ILE A 5 18.00 11.55 1.71
N LEU A 6 16.97 10.85 1.23
CA LEU A 6 16.08 10.07 2.08
C LEU A 6 16.51 8.61 2.02
N ILE A 7 16.78 8.00 3.16
CA ILE A 7 17.15 6.60 3.24
C ILE A 7 16.14 5.88 4.13
N GLN A 8 15.55 4.80 3.62
CA GLN A 8 14.44 4.12 4.29
C GLN A 8 14.80 2.73 4.73
N GLY A 9 14.24 2.29 5.85
CA GLY A 9 14.21 0.89 6.22
C GLY A 9 12.96 0.63 7.02
N ALA A 10 12.47 -0.60 7.03
CA ALA A 10 11.16 -0.88 7.62
C ALA A 10 11.22 -1.13 9.13
N MET A 11 12.23 -1.87 9.55
CA MET A 11 12.36 -2.37 10.92
C MET A 11 13.51 -1.70 11.63
N ASP A 12 13.47 -1.74 12.96
CA ASP A 12 14.56 -1.17 13.74
C ASP A 12 15.93 -1.67 13.31
N VAL A 13 16.04 -2.97 13.08
CA VAL A 13 17.35 -3.55 12.74
C VAL A 13 17.86 -3.05 11.38
N GLU A 14 16.95 -2.53 10.56
CA GLU A 14 17.29 -2.02 9.23
C GLU A 14 17.59 -0.54 9.21
N VAL A 15 17.46 0.14 10.36
CA VAL A 15 17.76 1.58 10.42
C VAL A 15 18.72 2.01 11.52
N GLU A 16 18.96 1.16 12.51
CA GLU A 16 19.75 1.62 13.66
C GLU A 16 21.19 1.99 13.28
N THR A 17 21.75 1.28 12.32
CA THR A 17 23.10 1.59 11.86
C THR A 17 23.15 2.92 11.09
N LEU A 18 22.16 3.16 10.23
CA LEU A 18 22.03 4.45 9.53
C LEU A 18 21.90 5.58 10.54
N VAL A 19 21.04 5.40 11.53
CA VAL A 19 20.79 6.47 12.49
C VAL A 19 22.06 6.77 13.30
N ALA A 20 22.81 5.74 13.65
CA ALA A 20 24.06 5.92 14.41
C ALA A 20 25.11 6.68 13.60
N ALA A 21 25.01 6.63 12.27
CA ALA A 21 25.96 7.31 11.40
C ALA A 21 25.71 8.80 11.25
N LEU A 22 24.52 9.27 11.56
CA LEU A 22 24.18 10.68 11.37
C LEU A 22 24.79 11.55 12.45
N LYS A 23 25.19 12.75 12.06
CA LYS A 23 25.61 13.78 13.02
C LYS A 23 24.48 14.77 13.21
N ASP A 24 24.46 15.39 14.39
CA ASP A 24 23.57 16.50 14.70
C ASP A 24 22.10 16.18 14.41
N LYS A 25 21.67 15.09 15.01
CA LYS A 25 20.34 14.53 14.76
C LYS A 25 19.23 15.22 15.50
N GLN A 26 18.05 15.18 14.89
CA GLN A 26 16.80 15.34 15.61
C GLN A 26 15.86 14.29 15.08
N GLU A 27 14.92 13.88 15.91
CA GLU A 27 14.01 12.79 15.60
C GLU A 27 12.60 13.34 15.57
N LEU A 28 11.89 13.11 14.46
CA LEU A 28 10.53 13.59 14.27
C LEU A 28 9.59 12.42 14.03
N THR A 29 8.47 12.37 14.75
CA THR A 29 7.45 11.36 14.51
C THR A 29 6.13 12.04 14.23
N VAL A 30 5.48 11.60 13.16
CA VAL A 30 4.13 12.02 12.82
C VAL A 30 3.34 10.75 12.51
N GLY A 31 2.16 10.63 13.10
CA GLY A 31 1.37 9.43 12.88
C GLY A 31 2.12 8.22 13.41
N SER A 32 2.34 7.24 12.53
CA SER A 32 3.07 6.03 12.88
C SER A 32 4.54 6.04 12.44
N TRP A 33 5.02 7.17 11.92
CA TRP A 33 6.27 7.17 11.14
C TRP A 33 7.32 8.11 11.72
N THR A 34 8.49 7.56 11.98
CA THR A 34 9.60 8.28 12.58
C THR A 34 10.71 8.54 11.56
N TYR A 35 11.32 9.73 11.70
CA TYR A 35 12.36 10.23 10.81
C TYR A 35 13.49 10.77 11.68
N TRP A 36 14.72 10.51 11.28
CA TRP A 36 15.88 11.10 11.94
C TRP A 36 16.54 12.00 10.89
N GLN A 37 16.64 13.28 11.21
CA GLN A 37 17.23 14.28 10.33
C GLN A 37 18.59 14.61 10.87
N GLY A 38 19.63 14.49 10.04
CA GLY A 38 20.99 14.78 10.47
C GLY A 38 21.84 15.00 9.24
N THR A 39 23.14 14.84 9.40
CA THR A 39 24.04 14.95 8.26
C THR A 39 24.94 13.75 8.13
N LEU A 40 25.34 13.46 6.89
CA LEU A 40 26.40 12.50 6.59
C LEU A 40 27.39 13.28 5.73
N SER A 41 28.66 13.26 6.10
CA SER A 41 29.69 14.05 5.42
C SER A 41 29.27 15.49 5.23
N GLY A 42 28.57 16.03 6.23
CA GLY A 42 28.14 17.42 6.22
C GLY A 42 26.91 17.75 5.41
N TYR A 43 26.32 16.74 4.78
CA TYR A 43 25.21 16.94 3.86
C TYR A 43 23.91 16.41 4.50
N PRO A 44 22.77 17.11 4.29
CA PRO A 44 21.53 16.66 4.92
C PRO A 44 21.03 15.28 4.47
N VAL A 45 20.70 14.45 5.45
CA VAL A 45 20.19 13.10 5.21
C VAL A 45 19.04 12.89 6.19
N VAL A 46 17.97 12.28 5.71
CA VAL A 46 16.85 11.89 6.54
C VAL A 46 16.74 10.38 6.48
N VAL A 47 16.76 9.72 7.64
CA VAL A 47 16.52 8.29 7.75
C VAL A 47 15.07 8.08 8.20
N SER A 48 14.35 7.23 7.48
CA SER A 48 12.95 6.93 7.73
C SER A 48 12.78 5.47 8.11
N ARG A 49 12.12 5.22 9.23
CA ARG A 49 11.66 3.88 9.61
C ARG A 49 10.23 3.76 9.11
N THR A 50 10.03 2.96 8.07
CA THR A 50 8.77 2.99 7.36
C THR A 50 7.65 2.15 7.98
N GLU A 51 8.01 1.23 8.88
CA GLU A 51 7.17 0.11 9.24
C GLU A 51 6.95 -0.79 8.00
N VAL A 52 6.13 -1.82 8.13
CA VAL A 52 6.20 -2.95 7.21
C VAL A 52 5.02 -2.97 6.24
N GLY A 53 5.29 -3.28 4.97
CA GLY A 53 4.23 -3.52 4.01
C GLY A 53 3.92 -2.34 3.10
N LEU A 54 3.05 -2.57 2.13
CA LEU A 54 2.87 -1.57 1.07
C LEU A 54 2.21 -0.30 1.57
N ALA A 55 1.17 -0.42 2.39
CA ALA A 55 0.47 0.77 2.88
C ALA A 55 1.42 1.62 3.72
N ASN A 56 2.12 0.99 4.67
CA ASN A 56 3.07 1.71 5.50
C ASN A 56 4.16 2.37 4.64
N ALA A 57 4.71 1.65 3.68
CA ALA A 57 5.76 2.22 2.87
C ALA A 57 5.26 3.44 2.10
N ALA A 58 4.07 3.36 1.53
CA ALA A 58 3.55 4.48 0.75
C ALA A 58 3.28 5.68 1.64
N ALA A 59 2.72 5.44 2.82
CA ALA A 59 2.46 6.53 3.76
C ALA A 59 3.77 7.20 4.19
N ALA A 60 4.73 6.39 4.59
CA ALA A 60 6.01 6.92 5.08
C ALA A 60 6.74 7.71 4.00
N THR A 61 6.65 7.24 2.75
CA THR A 61 7.31 7.92 1.65
C THR A 61 6.61 9.25 1.36
N THR A 62 5.28 9.22 1.31
CA THR A 62 4.50 10.44 1.01
C THR A 62 4.76 11.50 2.08
N LEU A 63 4.74 11.08 3.33
CA LEU A 63 4.95 12.00 4.43
C LEU A 63 6.35 12.62 4.33
N ALA A 64 7.34 11.83 3.95
CA ALA A 64 8.70 12.35 3.76
C ALA A 64 8.77 13.36 2.62
N MET A 65 8.06 13.09 1.53
CA MET A 65 8.02 14.04 0.43
C MET A 65 7.47 15.37 0.89
N GLU A 66 6.37 15.34 1.60
CA GLU A 66 5.72 16.55 2.06
C GLU A 66 6.55 17.32 3.09
N ARG A 67 7.22 16.61 4.00
CA ARG A 67 7.95 17.26 5.07
C ARG A 67 9.36 17.69 4.67
N PHE A 68 10.03 16.90 3.84
CA PHE A 68 11.47 17.07 3.61
C PHE A 68 11.89 17.34 2.17
N GLN A 69 11.01 17.09 1.19
CA GLN A 69 11.33 17.33 -0.23
C GLN A 69 12.72 16.80 -0.60
N PRO A 70 12.93 15.48 -0.46
CA PRO A 70 14.26 14.92 -0.72
C PRO A 70 14.66 14.98 -2.19
N ARG A 71 15.96 15.01 -2.44
CA ARG A 71 16.45 15.01 -3.82
C ARG A 71 16.55 13.63 -4.44
N LEU A 72 16.64 12.59 -3.60
CA LEU A 72 16.61 11.20 -4.07
C LEU A 72 16.26 10.30 -2.89
N VAL A 73 15.79 9.10 -3.20
CA VAL A 73 15.34 8.13 -2.20
C VAL A 73 16.09 6.82 -2.41
N ILE A 74 16.65 6.30 -1.32
CA ILE A 74 17.23 4.97 -1.28
C ILE A 74 16.35 4.17 -0.34
N ASN A 75 15.67 3.15 -0.86
CA ASN A 75 14.91 2.23 -0.02
C ASN A 75 15.76 0.99 0.16
N GLN A 76 16.01 0.61 1.40
CA GLN A 76 16.87 -0.54 1.67
C GLN A 76 16.34 -1.41 2.78
N GLY A 77 17.01 -2.52 3.03
CA GLY A 77 16.58 -3.48 4.02
C GLY A 77 16.84 -4.89 3.54
N THR A 78 16.12 -5.82 4.13
CA THR A 78 16.35 -7.24 3.84
C THR A 78 15.25 -7.82 2.97
N ALA A 79 15.56 -8.98 2.37
CA ALA A 79 14.66 -9.64 1.43
C ALA A 79 14.92 -11.14 1.44
N GLY A 80 14.00 -11.88 0.84
CA GLY A 80 14.14 -13.32 0.68
C GLY A 80 14.46 -13.70 -0.74
N GLY A 81 15.37 -14.64 -0.92
CA GLY A 81 15.79 -14.98 -2.27
C GLY A 81 14.74 -15.69 -3.10
N HIS A 82 14.67 -15.31 -4.37
CA HIS A 82 13.84 -15.97 -5.38
C HIS A 82 14.71 -16.61 -6.46
N ASP A 83 15.89 -16.06 -6.70
CA ASP A 83 16.79 -16.59 -7.71
C ASP A 83 17.71 -17.62 -7.05
N PRO A 84 17.73 -18.88 -7.55
CA PRO A 84 18.56 -19.92 -6.92
C PRO A 84 20.04 -19.60 -6.94
N ALA A 85 20.48 -18.71 -7.81
CA ALA A 85 21.90 -18.35 -7.88
C ALA A 85 22.36 -17.53 -6.66
N LEU A 86 21.41 -16.95 -5.93
CA LEU A 86 21.74 -16.01 -4.87
C LEU A 86 21.66 -16.64 -3.49
N HIS A 87 22.50 -16.14 -2.60
CA HIS A 87 22.57 -16.61 -1.23
C HIS A 87 22.44 -15.49 -0.22
N ARG A 88 22.13 -15.87 1.00
CA ARG A 88 22.09 -14.97 2.13
C ARG A 88 23.37 -14.13 2.14
N GLY A 89 23.20 -12.83 2.24
CA GLY A 89 24.30 -11.88 2.26
C GLY A 89 24.54 -11.18 0.94
N ASP A 90 24.03 -11.75 -0.15
CA ASP A 90 24.13 -11.09 -1.45
C ASP A 90 23.19 -9.89 -1.44
N ILE A 91 23.59 -8.85 -2.16
CA ILE A 91 22.80 -7.63 -2.30
C ILE A 91 22.28 -7.51 -3.72
N VAL A 92 20.98 -7.20 -3.82
CA VAL A 92 20.31 -6.95 -5.08
C VAL A 92 20.07 -5.45 -5.24
N ILE A 93 20.50 -4.90 -6.36
CA ILE A 93 20.20 -3.53 -6.75
C ILE A 93 19.02 -3.59 -7.71
N GLY A 94 17.93 -2.90 -7.35
CA GLY A 94 16.69 -3.04 -8.10
C GLY A 94 16.68 -2.33 -9.44
N THR A 95 16.98 -3.09 -10.50
CA THR A 95 16.83 -2.55 -11.85
C THR A 95 15.37 -2.17 -12.08
N LYS A 96 14.48 -3.00 -11.54
CA LYS A 96 13.08 -2.61 -11.42
C LYS A 96 12.49 -3.24 -10.17
N SER A 97 11.42 -2.62 -9.69
CA SER A 97 10.58 -3.21 -8.66
C SER A 97 9.15 -3.18 -9.17
N PHE A 98 8.31 -4.06 -8.65
CA PHE A 98 6.91 -4.10 -9.08
C PHE A 98 6.09 -4.73 -7.98
N ASN A 99 4.76 -4.50 -8.04
CA ASN A 99 3.84 -5.06 -7.09
C ASN A 99 3.51 -6.51 -7.46
N MET A 100 4.32 -7.41 -6.94
CA MET A 100 4.19 -8.84 -7.16
C MET A 100 2.95 -9.42 -6.50
N GLY A 101 2.40 -8.72 -5.51
CA GLY A 101 1.19 -9.18 -4.85
C GLY A 101 -0.09 -8.82 -5.57
N ALA A 102 -0.01 -8.07 -6.66
CA ALA A 102 -1.20 -7.63 -7.35
C ALA A 102 -1.72 -8.75 -8.27
N TYR A 103 -2.96 -9.19 -8.05
CA TYR A 103 -3.51 -10.37 -8.73
C TYR A 103 -4.87 -10.08 -9.36
N ARG A 104 -5.04 -10.46 -10.62
CA ARG A 104 -6.35 -10.48 -11.25
C ARG A 104 -6.56 -11.88 -11.84
N SER A 105 -7.79 -12.36 -11.81
CA SER A 105 -8.10 -13.66 -12.39
C SER A 105 -9.36 -13.61 -13.23
N ASP A 106 -9.37 -14.46 -14.26
CA ASP A 106 -10.54 -14.65 -15.09
C ASP A 106 -11.60 -15.45 -14.32
N LEU A 107 -12.87 -15.35 -14.74
CA LEU A 107 -13.96 -16.05 -14.08
C LEU A 107 -13.81 -17.56 -14.16
N THR A 108 -13.92 -18.24 -13.03
CA THR A 108 -14.04 -19.70 -13.02
C THR A 108 -15.10 -20.13 -12.01
N PRO A 109 -15.91 -21.12 -12.37
CA PRO A 109 -16.94 -21.57 -11.43
C PRO A 109 -16.36 -22.36 -10.27
N ALA A 110 -17.15 -22.50 -9.21
CA ALA A 110 -16.67 -23.10 -7.98
C ALA A 110 -16.06 -24.49 -8.16
N GLU A 111 -16.63 -25.27 -9.08
CA GLU A 111 -16.22 -26.65 -9.24
C GLU A 111 -14.77 -26.76 -9.74
N GLN A 112 -14.24 -25.70 -10.34
CA GLN A 112 -12.85 -25.72 -10.81
C GLN A 112 -11.82 -25.38 -9.74
N GLY A 113 -12.28 -25.03 -8.55
CA GLY A 113 -11.39 -24.78 -7.44
C GLY A 113 -10.55 -23.54 -7.61
N VAL A 114 -9.44 -23.53 -6.88
CA VAL A 114 -8.52 -22.39 -6.84
C VAL A 114 -7.23 -22.74 -7.56
N ASP A 115 -6.80 -21.87 -8.47
CA ASP A 115 -5.55 -22.09 -9.19
C ASP A 115 -4.72 -20.79 -9.27
N PRO A 116 -3.75 -20.62 -8.36
CA PRO A 116 -2.94 -19.40 -8.37
C PRO A 116 -2.05 -19.23 -9.59
N SER A 117 -1.87 -20.29 -10.38
CA SER A 117 -1.07 -20.14 -11.59
C SER A 117 -1.86 -19.34 -12.64
N LYS A 118 -3.15 -19.09 -12.36
CA LYS A 118 -4.05 -18.30 -13.21
C LYS A 118 -4.27 -16.89 -12.64
N TRP A 119 -3.53 -16.53 -11.59
CA TRP A 119 -3.61 -15.18 -11.02
C TRP A 119 -2.54 -14.31 -11.62
N HIS A 120 -2.93 -13.35 -12.41
CA HIS A 120 -1.98 -12.59 -13.20
C HIS A 120 -1.70 -11.24 -12.57
N ASN A 121 -0.53 -10.69 -12.88
CA ASN A 121 -0.16 -9.41 -12.30
C ASN A 121 -1.17 -8.34 -12.71
N PHE A 122 -1.67 -7.59 -11.72
CA PHE A 122 -2.75 -6.63 -11.94
C PHE A 122 -2.16 -5.23 -11.96
N GLU A 123 -1.86 -4.75 -13.16
CA GLU A 123 -1.04 -3.57 -13.34
C GLU A 123 -1.70 -2.27 -12.90
N VAL A 124 -3.03 -2.26 -12.78
CA VAL A 124 -3.75 -1.04 -12.37
C VAL A 124 -3.25 -0.54 -11.02
N THR A 125 -2.75 -1.44 -10.18
CA THR A 125 -2.22 -1.06 -8.88
C THR A 125 -0.97 -0.18 -8.95
N MET A 126 -0.35 -0.10 -10.13
CA MET A 126 0.82 0.75 -10.33
C MET A 126 0.55 1.90 -11.28
N ARG A 127 -0.70 2.01 -11.74
CA ARG A 127 -1.10 3.12 -12.60
C ARG A 127 -1.15 4.42 -11.80
N LEU A 128 -0.65 5.49 -12.39
CA LEU A 128 -0.62 6.81 -11.78
C LEU A 128 -1.22 7.83 -12.71
N ARG A 129 -1.27 9.08 -12.24
CA ARG A 129 -1.61 10.22 -13.07
C ARG A 129 -0.46 11.21 -13.03
N ASP A 130 -0.20 11.84 -14.18
CA ASP A 130 0.83 12.85 -14.29
C ASP A 130 0.15 14.08 -14.84
N ASN A 131 0.14 15.14 -14.03
CA ASN A 131 -0.58 16.36 -14.35
C ASN A 131 -2.00 16.00 -14.75
N GLY A 132 -2.60 15.07 -14.01
CA GLY A 132 -3.98 14.70 -14.25
C GLY A 132 -4.24 13.60 -15.26
N LYS A 133 -3.24 13.24 -16.07
CA LYS A 133 -3.41 12.25 -17.16
C LYS A 133 -2.90 10.86 -16.75
N LEU A 134 -3.65 9.80 -17.08
CA LEU A 134 -3.29 8.44 -16.65
C LEU A 134 -2.02 7.95 -17.33
N VAL A 135 -1.13 7.37 -16.54
CA VAL A 135 0.12 6.80 -17.02
C VAL A 135 0.23 5.38 -16.47
N GLU A 136 0.26 4.40 -17.36
CA GLU A 136 0.40 3.01 -16.97
C GLU A 136 1.86 2.70 -16.56
N HIS A 137 2.00 1.81 -15.59
CA HIS A 137 3.30 1.29 -15.18
C HIS A 137 3.15 -0.20 -14.89
N SER A 138 4.00 -1.04 -15.49
CA SER A 138 4.04 -2.47 -15.16
C SER A 138 5.13 -2.79 -14.14
N SER A 139 5.97 -1.79 -13.90
CA SER A 139 7.04 -1.83 -12.90
C SER A 139 7.58 -0.43 -12.77
N PHE A 140 8.44 -0.21 -11.79
CA PHE A 140 9.17 1.04 -11.62
C PHE A 140 10.65 0.75 -11.75
N ALA A 141 11.27 1.39 -12.74
CA ALA A 141 12.69 1.24 -12.93
C ALA A 141 13.45 1.99 -11.85
N GLY A 142 14.45 1.35 -11.25
CA GLY A 142 15.38 2.10 -10.42
C GLY A 142 16.01 3.16 -11.30
N ASP A 143 16.26 4.35 -10.77
CA ASP A 143 16.95 5.37 -11.56
C ASP A 143 18.23 4.75 -12.12
N PRO A 144 18.41 4.76 -13.45
CA PRO A 144 19.48 3.90 -13.96
C PRO A 144 20.89 4.35 -13.58
N GLU A 145 21.10 5.65 -13.43
CA GLU A 145 22.39 6.10 -12.95
C GLU A 145 22.60 5.69 -11.50
N LEU A 146 21.58 5.80 -10.65
CA LEU A 146 21.73 5.32 -9.27
C LEU A 146 22.00 3.83 -9.22
N VAL A 147 21.31 3.05 -10.04
CA VAL A 147 21.53 1.62 -10.12
C VAL A 147 22.97 1.32 -10.54
N GLY A 148 23.39 1.99 -11.61
CA GLY A 148 24.74 1.78 -12.09
C GLY A 148 25.81 2.11 -11.06
N ARG A 149 25.62 3.21 -10.32
CA ARG A 149 26.60 3.57 -9.28
C ARG A 149 26.74 2.43 -8.27
N ALA A 150 25.62 1.87 -7.85
CA ALA A 150 25.66 0.82 -6.84
C ALA A 150 26.39 -0.41 -7.39
N LEU A 151 26.12 -0.76 -8.64
CA LEU A 151 26.83 -1.86 -9.28
C LEU A 151 28.32 -1.58 -9.42
N GLY A 152 28.68 -0.35 -9.75
CA GLY A 152 30.06 0.05 -9.85
C GLY A 152 30.79 -0.03 -8.52
N MET A 153 30.04 0.10 -7.42
CA MET A 153 30.61 0.00 -6.07
C MET A 153 30.61 -1.43 -5.52
N ALA A 154 30.31 -2.41 -6.35
CA ALA A 154 30.16 -3.79 -5.90
C ALA A 154 31.33 -4.30 -5.10
N ASP A 155 32.54 -4.01 -5.56
CA ASP A 155 33.72 -4.54 -4.88
C ASP A 155 34.09 -3.77 -3.62
N ARG A 156 33.25 -2.82 -3.20
CA ARG A 156 33.38 -2.20 -1.89
C ARG A 156 32.55 -2.93 -0.83
N TYR A 157 31.65 -3.80 -1.26
CA TYR A 157 30.84 -4.60 -0.32
C TYR A 157 31.60 -5.83 0.11
N ARG A 158 31.79 -5.96 1.43
CA ARG A 158 32.71 -6.95 1.98
C ARG A 158 32.10 -8.33 2.26
N HIS A 159 30.78 -8.48 2.09
CA HIS A 159 30.08 -9.66 2.62
C HIS A 159 29.23 -10.44 1.62
N GLY A 160 29.48 -10.27 0.32
CA GLY A 160 28.73 -11.02 -0.67
C GLY A 160 28.76 -10.33 -2.02
N ARG A 161 28.01 -10.89 -2.95
CA ARG A 161 27.91 -10.33 -4.28
C ARG A 161 26.96 -9.13 -4.26
N VAL A 162 27.15 -8.21 -5.19
CA VAL A 162 26.21 -7.12 -5.48
C VAL A 162 25.79 -7.31 -6.93
N VAL A 163 24.50 -7.57 -7.15
CA VAL A 163 23.98 -7.96 -8.46
C VAL A 163 22.79 -7.09 -8.82
N PRO A 164 22.57 -6.84 -10.12
CA PRO A 164 21.31 -6.24 -10.54
C PRO A 164 20.21 -7.28 -10.48
N GLY A 165 18.99 -6.86 -10.15
CA GLY A 165 17.90 -7.81 -10.17
C GLY A 165 16.57 -7.12 -10.02
N ILE A 166 15.52 -7.90 -10.22
CA ILE A 166 14.15 -7.45 -10.08
C ILE A 166 13.66 -7.74 -8.68
N ILE A 167 13.14 -6.71 -8.03
CA ILE A 167 12.63 -6.82 -6.68
C ILE A 167 11.10 -6.94 -6.74
N GLY A 168 10.59 -8.05 -6.21
CA GLY A 168 9.16 -8.29 -6.17
C GLY A 168 8.57 -7.93 -4.81
N THR A 169 7.75 -6.88 -4.79
CA THR A 169 7.15 -6.37 -3.57
C THR A 169 5.74 -6.92 -3.38
N ALA A 170 5.45 -7.42 -2.19
CA ALA A 170 4.10 -7.89 -1.89
C ALA A 170 3.91 -7.87 -0.39
N ASP A 171 2.66 -7.83 0.06
CA ASP A 171 2.36 -8.00 1.48
C ASP A 171 2.40 -9.50 1.85
N GLU A 172 3.53 -10.13 1.57
CA GLU A 172 3.67 -11.58 1.65
C GLU A 172 5.04 -11.99 2.14
N TRP A 173 5.08 -13.08 2.89
CA TRP A 173 6.32 -13.80 3.10
C TRP A 173 6.06 -15.24 2.67
N ASN A 174 6.61 -15.60 1.52
CA ASN A 174 6.41 -16.93 0.93
C ASN A 174 7.47 -17.92 1.36
N ARG A 175 7.04 -19.07 1.87
CA ARG A 175 7.98 -20.15 2.19
C ARG A 175 7.57 -21.46 1.52
N GLN A 176 6.55 -21.44 0.68
CA GLN A 176 6.27 -22.60 -0.16
C GLN A 176 7.22 -22.53 -1.34
N VAL A 177 8.21 -23.41 -1.36
CA VAL A 177 9.25 -23.34 -2.37
C VAL A 177 8.70 -23.40 -3.79
N ALA A 178 7.66 -24.18 -4.03
CA ALA A 178 7.05 -24.23 -5.36
C ALA A 178 6.50 -22.87 -5.79
N ARG A 179 6.03 -22.10 -4.80
CA ARG A 179 5.48 -20.77 -5.09
C ARG A 179 6.61 -19.78 -5.37
N ILE A 180 7.67 -19.84 -4.57
CA ILE A 180 8.86 -19.05 -4.84
C ILE A 180 9.36 -19.32 -6.26
N ASN A 181 9.45 -20.61 -6.62
CA ASN A 181 9.94 -20.97 -7.94
C ASN A 181 9.01 -20.43 -9.05
N TRP A 182 7.70 -20.52 -8.83
CA TRP A 182 6.75 -20.01 -9.82
C TRP A 182 6.89 -18.50 -10.00
N LEU A 183 7.04 -17.77 -8.90
CA LEU A 183 7.21 -16.33 -9.00
C LEU A 183 8.49 -15.97 -9.75
N HIS A 184 9.57 -16.66 -9.43
CA HIS A 184 10.83 -16.44 -10.12
C HIS A 184 10.74 -16.70 -11.63
N GLN A 185 10.09 -17.80 -11.98
CA GLN A 185 9.97 -18.19 -13.37
C GLN A 185 9.06 -17.27 -14.16
N THR A 186 8.04 -16.73 -13.48
CA THR A 186 7.04 -15.89 -14.13
C THR A 186 7.52 -14.43 -14.25
N TYR A 187 8.18 -13.92 -13.22
CA TYR A 187 8.52 -12.52 -13.11
C TYR A 187 10.01 -12.19 -13.11
N GLN A 188 10.84 -13.23 -13.12
CA GLN A 188 12.30 -13.07 -13.16
C GLN A 188 12.81 -12.35 -11.92
N THR A 189 12.13 -12.56 -10.80
CA THR A 189 12.50 -11.92 -9.54
C THR A 189 13.81 -12.44 -8.96
N ALA A 190 14.60 -11.53 -8.41
CA ALA A 190 15.78 -11.88 -7.63
C ALA A 190 15.44 -12.18 -6.19
N ALA A 191 14.48 -11.42 -5.67
CA ALA A 191 14.15 -11.49 -4.26
C ALA A 191 12.77 -10.89 -4.03
N GLU A 192 12.17 -11.25 -2.90
CA GLU A 192 10.89 -10.70 -2.46
C GLU A 192 11.05 -9.89 -1.20
N GLU A 193 10.29 -8.83 -1.16
C GLU A 193 8.81 -7.28 0.12
N MET A 194 8.59 -6.38 1.06
CA MET A 194 7.24 -5.90 1.31
C MET A 194 7.06 -4.39 1.19
N GLU A 195 8.07 -3.65 0.70
CA GLU A 195 7.98 -2.18 0.61
C GLU A 195 8.39 -1.53 -0.71
N THR A 196 9.38 -2.11 -1.39
CA THR A 196 10.11 -1.36 -2.42
C THR A 196 9.24 -0.71 -3.47
N SER A 197 8.36 -1.48 -4.10
CA SER A 197 7.60 -0.93 -5.21
C SER A 197 6.58 0.10 -4.78
N SER A 198 6.19 0.05 -3.50
CA SER A 198 5.27 1.01 -2.97
C SER A 198 5.97 2.35 -2.76
N ALA A 199 7.15 2.32 -2.15
CA ALA A 199 7.98 3.52 -2.06
C ALA A 199 8.33 4.05 -3.46
N ALA A 200 8.62 3.12 -4.39
CA ALA A 200 8.98 3.52 -5.76
C ALA A 200 7.82 4.21 -6.47
N LEU A 201 6.61 3.72 -6.22
CA LEU A 201 5.39 4.30 -6.80
C LEU A 201 5.26 5.76 -6.36
N VAL A 202 5.44 6.01 -5.07
CA VAL A 202 5.35 7.37 -4.56
C VAL A 202 6.47 8.26 -5.14
N ALA A 203 7.69 7.73 -5.20
CA ALA A 203 8.79 8.48 -5.79
C ALA A 203 8.54 8.81 -7.25
N GLU A 204 7.94 7.88 -7.99
CA GLU A 204 7.59 8.15 -9.39
C GLU A 204 6.55 9.27 -9.47
N ALA A 205 5.54 9.23 -8.60
CA ALA A 205 4.50 10.27 -8.59
C ALA A 205 5.08 11.65 -8.34
N TYR A 206 6.07 11.73 -7.47
CA TYR A 206 6.72 13.00 -7.13
C TYR A 206 7.93 13.32 -8.03
N LYS A 207 8.23 12.42 -8.96
CA LYS A 207 9.37 12.58 -9.86
C LYS A 207 10.70 12.79 -9.12
N VAL A 208 10.95 11.93 -8.16
CA VAL A 208 12.17 11.94 -7.38
C VAL A 208 12.94 10.66 -7.64
N PRO A 209 14.22 10.76 -8.05
CA PRO A 209 15.01 9.56 -8.33
C PRO A 209 15.02 8.57 -7.17
N PHE A 210 14.90 7.30 -7.50
CA PHE A 210 14.72 6.23 -6.51
C PHE A 210 15.60 5.04 -6.83
N VAL A 211 16.14 4.39 -5.81
CA VAL A 211 16.79 3.11 -5.99
C VAL A 211 16.51 2.21 -4.80
N GLY A 212 16.21 0.95 -5.09
CA GLY A 212 16.05 -0.08 -4.08
C GLY A 212 17.31 -0.92 -3.96
N ILE A 213 17.76 -1.12 -2.73
CA ILE A 213 18.98 -1.88 -2.41
C ILE A 213 18.65 -2.86 -1.31
N ARG A 214 18.65 -4.15 -1.61
CA ARG A 214 18.17 -5.16 -0.67
C ARG A 214 19.18 -6.26 -0.47
N VAL A 215 19.47 -6.58 0.79
CA VAL A 215 20.30 -7.75 1.09
C VAL A 215 19.40 -8.93 1.32
N LEU A 216 19.81 -10.10 0.84
CA LEU A 216 19.13 -11.32 1.21
C LEU A 216 19.45 -11.69 2.64
N SER A 217 18.46 -11.64 3.52
CA SER A 217 18.66 -12.11 4.89
C SER A 217 18.28 -13.57 5.04
N ASN A 218 17.63 -14.11 4.01
CA ASN A 218 17.12 -15.48 4.06
C ASN A 218 16.88 -15.97 2.65
N THR A 219 16.98 -17.28 2.45
CA THR A 219 16.44 -17.87 1.22
C THR A 219 16.09 -19.32 1.46
N ASP A 220 14.84 -19.65 1.18
CA ASP A 220 14.39 -21.04 1.36
C ASP A 220 14.82 -21.93 0.21
N LEU A 221 15.46 -21.34 -0.79
CA LEU A 221 16.04 -22.14 -1.89
C LEU A 221 17.34 -22.81 -1.47
N HIS A 222 17.92 -22.38 -0.35
CA HIS A 222 19.18 -22.95 0.14
C HIS A 222 19.14 -23.26 1.63
N GLY A 223 17.95 -23.28 2.23
CA GLY A 223 17.83 -23.60 3.64
C GLY A 223 18.49 -22.58 4.54
N GLU A 224 18.56 -21.34 4.08
CA GLU A 224 19.25 -20.26 4.81
C GLU A 224 18.24 -19.39 5.55
N GLU A 225 18.20 -19.57 6.87
CA GLU A 225 17.26 -18.88 7.73
C GLU A 225 17.73 -17.44 7.98
N PHE A 226 16.80 -16.62 8.44
CA PHE A 226 17.04 -15.21 8.71
C PHE A 226 18.28 -14.95 9.55
N ASP A 227 19.16 -14.09 9.04
CA ASP A 227 20.32 -13.63 9.79
C ASP A 227 20.25 -12.10 9.91
N PRO A 228 19.99 -11.56 11.11
CA PRO A 228 19.85 -10.11 11.26
C PRO A 228 21.12 -9.32 10.94
N GLN A 229 22.29 -9.96 11.00
CA GLN A 229 23.53 -9.26 10.72
C GLN A 229 23.57 -8.77 9.27
N THR A 230 22.85 -9.45 8.38
CA THR A 230 22.80 -8.98 6.99
C THR A 230 22.24 -7.56 6.89
N ALA A 231 21.29 -7.24 7.77
CA ALA A 231 20.70 -5.91 7.74
C ALA A 231 21.71 -4.82 8.08
N ILE A 232 22.60 -5.12 9.02
CA ILE A 232 23.67 -4.21 9.39
C ILE A 232 24.62 -4.04 8.19
N HIS A 233 24.97 -5.15 7.55
CA HIS A 233 25.87 -5.10 6.40
C HIS A 233 25.30 -4.28 5.26
N CYS A 234 24.00 -4.41 5.02
CA CYS A 234 23.36 -3.63 3.98
C CYS A 234 23.45 -2.13 4.31
N GLN A 235 23.15 -1.75 5.55
CA GLN A 235 23.23 -0.34 5.92
C GLN A 235 24.65 0.22 5.76
N GLN A 236 25.67 -0.59 6.07
CA GLN A 236 27.05 -0.15 5.89
C GLN A 236 27.35 0.15 4.43
N PHE A 237 26.89 -0.73 3.54
CA PHE A 237 27.06 -0.51 2.10
C PHE A 237 26.33 0.77 1.67
N VAL A 238 25.09 0.91 2.14
CA VAL A 238 24.29 2.09 1.80
C VAL A 238 24.91 3.40 2.30
N ILE A 239 25.53 3.38 3.49
CA ILE A 239 26.23 4.56 3.98
C ILE A 239 27.38 4.93 3.05
N ASP A 240 28.16 3.94 2.63
CA ASP A 240 29.27 4.17 1.68
C ASP A 240 28.74 4.74 0.37
N TYR A 241 27.64 4.16 -0.10
CA TYR A 241 26.98 4.60 -1.33
C TYR A 241 26.49 6.04 -1.21
N ALA A 242 25.82 6.37 -0.10
CA ALA A 242 25.34 7.72 0.08
C ALA A 242 26.48 8.73 0.17
N LYS A 243 27.54 8.38 0.88
CA LYS A 243 28.70 9.24 0.97
C LYS A 243 29.31 9.49 -0.42
N ALA A 244 29.31 8.48 -1.29
CA ALA A 244 29.82 8.70 -2.64
C ALA A 244 28.96 9.69 -3.42
N LEU A 245 27.64 9.57 -3.29
CA LEU A 245 26.73 10.55 -3.89
C LEU A 245 27.02 11.94 -3.36
N ILE A 246 27.17 12.05 -2.05
CA ILE A 246 27.41 13.33 -1.41
C ILE A 246 28.70 13.98 -1.92
N ASN A 247 29.74 13.18 -2.12
CA ASN A 247 31.01 13.69 -2.62
C ASN A 247 30.82 14.33 -3.99
N GLY A 248 29.85 13.83 -4.74
CA GLY A 248 29.56 14.36 -6.07
C GLY A 248 28.68 15.58 -6.07
N PHE A 249 27.95 15.84 -4.98
CA PHE A 249 27.13 17.03 -4.88
C PHE A 249 28.06 18.23 -4.71
N SER B 2 -13.38 24.10 11.77
CA SER B 2 -13.48 24.23 10.32
C SER B 2 -12.71 23.13 9.60
N ALA B 3 -12.42 22.05 10.32
CA ALA B 3 -11.67 20.93 9.73
C ALA B 3 -12.61 20.22 8.77
N PRO B 4 -12.14 19.94 7.54
CA PRO B 4 -13.06 19.37 6.55
C PRO B 4 -13.38 17.89 6.75
N ILE B 5 -14.50 17.47 6.17
CA ILE B 5 -14.74 16.07 5.91
C ILE B 5 -13.94 15.68 4.66
N LEU B 6 -13.20 14.58 4.74
CA LEU B 6 -12.51 14.02 3.58
C LEU B 6 -13.33 12.89 3.01
N ILE B 7 -13.67 12.95 1.73
CA ILE B 7 -14.40 11.89 1.04
C ILE B 7 -13.57 11.39 -0.12
N GLN B 8 -13.34 10.09 -0.15
CA GLN B 8 -12.43 9.46 -1.10
C GLN B 8 -13.13 8.53 -2.08
N GLY B 9 -12.61 8.48 -3.30
CA GLY B 9 -12.94 7.44 -4.26
C GLY B 9 -11.74 7.22 -5.15
N ALA B 10 -11.61 6.02 -5.68
CA ALA B 10 -10.41 5.67 -6.45
C ALA B 10 -10.44 6.13 -7.89
N MET B 11 -11.57 5.88 -8.55
CA MET B 11 -11.73 6.10 -9.98
C MET B 11 -12.52 7.37 -10.24
N ASP B 12 -12.38 7.91 -11.44
CA ASP B 12 -13.15 9.08 -11.83
C ASP B 12 -14.65 8.88 -11.62
N VAL B 13 -15.17 7.75 -12.03
CA VAL B 13 -16.60 7.47 -11.91
C VAL B 13 -17.06 7.46 -10.44
N GLU B 14 -16.13 7.24 -9.52
CA GLU B 14 -16.43 7.17 -8.10
C GLU B 14 -16.30 8.51 -7.38
N VAL B 15 -15.89 9.57 -8.09
CA VAL B 15 -15.77 10.90 -7.48
C VAL B 15 -16.49 12.03 -8.21
N GLU B 16 -16.85 11.88 -9.47
CA GLU B 16 -17.31 13.07 -10.20
C GLU B 16 -18.67 13.57 -9.70
N THR B 17 -19.50 12.68 -9.16
CA THR B 17 -20.79 13.07 -8.57
C THR B 17 -20.54 13.87 -7.27
N LEU B 18 -19.61 13.41 -6.45
CA LEU B 18 -19.20 14.18 -5.29
C LEU B 18 -18.66 15.55 -5.68
N VAL B 19 -17.80 15.60 -6.68
CA VAL B 19 -17.21 16.87 -7.09
C VAL B 19 -18.28 17.84 -7.57
N ALA B 20 -19.26 17.32 -8.31
CA ALA B 20 -20.35 18.16 -8.81
C ALA B 20 -21.19 18.77 -7.69
N ALA B 21 -21.22 18.11 -6.53
CA ALA B 21 -22.01 18.59 -5.41
C ALA B 21 -21.34 19.73 -4.62
N LEU B 22 -20.03 19.89 -4.77
CA LEU B 22 -19.30 20.91 -4.03
C LEU B 22 -19.56 22.30 -4.57
N LYS B 23 -19.70 23.24 -3.65
CA LYS B 23 -19.75 24.67 -3.97
C LYS B 23 -18.37 25.30 -3.77
N ASP B 24 -18.08 26.33 -4.58
CA ASP B 24 -16.85 27.10 -4.45
C ASP B 24 -15.58 26.23 -4.46
N LYS B 25 -15.50 25.36 -5.46
CA LYS B 25 -14.41 24.39 -5.59
C LYS B 25 -13.08 25.03 -5.95
N GLN B 26 -12.02 24.53 -5.34
CA GLN B 26 -10.65 24.81 -5.76
C GLN B 26 -9.98 23.45 -5.90
N GLU B 27 -9.26 23.24 -7.00
CA GLU B 27 -8.62 21.95 -7.29
C GLU B 27 -7.13 22.03 -7.00
N LEU B 28 -6.59 20.96 -6.43
CA LEU B 28 -5.16 20.84 -6.10
C LEU B 28 -4.68 19.48 -6.55
N THR B 29 -3.57 19.44 -7.28
CA THR B 29 -2.95 18.18 -7.64
C THR B 29 -1.51 18.19 -7.14
N VAL B 30 -1.15 17.13 -6.42
CA VAL B 30 0.20 16.95 -5.92
C VAL B 30 0.59 15.52 -6.26
N GLY B 31 1.73 15.33 -6.92
CA GLY B 31 2.11 14.00 -7.34
C GLY B 31 1.07 13.44 -8.29
N SER B 32 0.53 12.29 -7.93
CA SER B 32 -0.49 11.62 -8.74
C SER B 32 -1.92 11.88 -8.24
N TRP B 33 -2.07 12.76 -7.27
CA TRP B 33 -3.32 12.82 -6.50
C TRP B 33 -3.99 14.19 -6.56
N THR B 34 -5.26 14.16 -7.01
CA THR B 34 -6.07 15.36 -7.14
C THR B 34 -7.10 15.45 -6.02
N TYR B 35 -7.27 16.67 -5.52
CA TYR B 35 -8.20 17.00 -4.46
C TYR B 35 -9.05 18.18 -4.91
N TRP B 36 -10.32 18.15 -4.55
CA TRP B 36 -11.22 19.28 -4.76
C TRP B 36 -11.70 19.75 -3.41
N GLN B 37 -11.39 21.00 -3.10
CA GLN B 37 -11.75 21.61 -1.82
C GLN B 37 -12.92 22.54 -2.05
N GLY B 38 -14.03 22.31 -1.38
CA GLY B 38 -15.19 23.18 -1.50
C GLY B 38 -16.04 23.04 -0.27
N THR B 39 -17.33 23.32 -0.42
CA THR B 39 -18.27 23.15 0.67
C THR B 39 -19.48 22.31 0.28
N LEU B 40 -20.04 21.62 1.27
CA LEU B 40 -21.34 20.99 1.19
C LEU B 40 -22.13 21.54 2.35
N SER B 41 -23.35 22.04 2.09
CA SER B 41 -24.17 22.62 3.15
C SER B 41 -23.41 23.69 3.95
N GLY B 42 -22.53 24.40 3.25
CA GLY B 42 -21.76 25.47 3.84
C GLY B 42 -20.55 25.08 4.65
N TYR B 43 -20.26 23.77 4.72
CA TYR B 43 -19.19 23.25 5.55
C TYR B 43 -18.05 22.70 4.67
N PRO B 44 -16.78 22.91 5.07
CA PRO B 44 -15.68 22.42 4.22
C PRO B 44 -15.61 20.92 4.02
N VAL B 45 -15.46 20.53 2.76
CA VAL B 45 -15.35 19.15 2.34
C VAL B 45 -14.24 19.09 1.31
N VAL B 46 -13.40 18.07 1.44
CA VAL B 46 -12.38 17.77 0.44
C VAL B 46 -12.71 16.43 -0.18
N VAL B 47 -12.83 16.40 -1.49
CA VAL B 47 -12.97 15.16 -2.23
C VAL B 47 -11.62 14.77 -2.82
N SER B 48 -11.25 13.50 -2.65
CA SER B 48 -9.96 12.98 -3.07
C SER B 48 -10.18 11.83 -4.04
N ARG B 49 -9.55 11.91 -5.20
CA ARG B 49 -9.47 10.80 -6.13
C ARG B 49 -8.13 10.08 -5.82
N THR B 50 -8.24 8.89 -5.23
CA THR B 50 -7.06 8.22 -4.68
C THR B 50 -6.21 7.47 -5.67
N GLU B 51 -6.77 7.15 -6.85
CA GLU B 51 -6.23 6.09 -7.71
C GLU B 51 -6.39 4.74 -7.00
N VAL B 52 -5.92 3.67 -7.61
CA VAL B 52 -6.34 2.32 -7.23
C VAL B 52 -5.28 1.56 -6.45
N GLY B 53 -5.73 0.83 -5.43
CA GLY B 53 -4.87 -0.10 -4.72
C GLY B 53 -4.28 0.43 -3.43
N LEU B 54 -3.60 -0.45 -2.69
CA LEU B 54 -3.19 -0.14 -1.33
C LEU B 54 -2.16 1.00 -1.27
N ALA B 55 -1.14 0.96 -2.13
CA ALA B 55 -0.13 2.00 -2.09
C ALA B 55 -0.73 3.36 -2.43
N ASN B 56 -1.53 3.42 -3.50
CA ASN B 56 -2.17 4.68 -3.86
C ASN B 56 -3.07 5.19 -2.74
N ALA B 57 -3.86 4.31 -2.16
CA ALA B 57 -4.80 4.74 -1.12
C ALA B 57 -4.05 5.32 0.07
N ALA B 58 -2.96 4.68 0.46
CA ALA B 58 -2.22 5.15 1.62
C ALA B 58 -1.53 6.49 1.33
N ALA B 59 -0.95 6.63 0.14
CA ALA B 59 -0.34 7.89 -0.26
C ALA B 59 -1.37 9.01 -0.29
N ALA B 60 -2.51 8.77 -0.95
CA ALA B 60 -3.53 9.81 -1.06
C ALA B 60 -4.08 10.20 0.30
N THR B 61 -4.22 9.23 1.20
CA THR B 61 -4.76 9.53 2.52
C THR B 61 -3.73 10.34 3.32
N THR B 62 -2.47 9.92 3.29
CA THR B 62 -1.42 10.61 4.05
C THR B 62 -1.26 12.05 3.55
N LEU B 63 -1.27 12.23 2.25
CA LEU B 63 -1.17 13.55 1.64
C LEU B 63 -2.32 14.44 2.11
N ALA B 64 -3.54 13.89 2.16
CA ALA B 64 -4.69 14.62 2.66
C ALA B 64 -4.55 15.00 4.13
N MET B 65 -4.02 14.10 4.95
CA MET B 65 -3.81 14.40 6.36
C MET B 65 -2.87 15.58 6.50
N GLU B 66 -1.77 15.57 5.75
CA GLU B 66 -0.78 16.64 5.83
C GLU B 66 -1.29 17.97 5.29
N ARG B 67 -2.06 17.94 4.22
CA ARG B 67 -2.49 19.18 3.56
C ARG B 67 -3.76 19.78 4.16
N PHE B 68 -4.66 18.93 4.66
CA PHE B 68 -6.01 19.39 5.01
C PHE B 68 -6.44 19.12 6.45
N GLN B 69 -5.76 18.23 7.16
CA GLN B 69 -6.11 17.92 8.55
C GLN B 69 -7.61 17.68 8.75
N PRO B 70 -8.18 16.69 8.06
CA PRO B 70 -9.63 16.45 8.12
C PRO B 70 -10.10 15.96 9.48
N ARG B 71 -11.37 16.24 9.78
CA ARG B 71 -11.94 15.76 11.04
C ARG B 71 -12.47 14.34 10.98
N LEU B 72 -12.78 13.85 9.79
CA LEU B 72 -13.18 12.44 9.60
C LEU B 72 -12.97 12.09 8.13
N VAL B 73 -12.85 10.79 7.86
CA VAL B 73 -12.65 10.29 6.52
C VAL B 73 -13.74 9.29 6.16
N ILE B 74 -14.39 9.52 5.02
CA ILE B 74 -15.29 8.55 4.42
C ILE B 74 -14.60 8.01 3.16
N ASN B 75 -14.29 6.73 3.16
CA ASN B 75 -13.75 6.08 1.97
C ASN B 75 -14.89 5.33 1.32
N GLN B 76 -15.15 5.60 0.05
CA GLN B 76 -16.26 4.96 -0.63
C GLN B 76 -15.90 4.58 -2.05
N GLY B 77 -16.83 3.92 -2.73
CA GLY B 77 -16.58 3.38 -4.05
C GLY B 77 -17.26 2.05 -4.24
N THR B 78 -16.79 1.29 -5.22
CA THR B 78 -17.42 0.01 -5.50
C THR B 78 -16.59 -1.19 -5.08
N ALA B 79 -17.25 -2.33 -5.01
CA ALA B 79 -16.65 -3.57 -4.50
C ALA B 79 -17.32 -4.76 -5.14
N GLY B 80 -16.72 -5.93 -4.94
CA GLY B 80 -17.26 -7.19 -5.41
C GLY B 80 -17.79 -8.04 -4.27
N GLY B 81 -18.93 -8.67 -4.48
CA GLY B 81 -19.55 -9.44 -3.44
C GLY B 81 -18.77 -10.68 -3.04
N HIS B 82 -18.67 -10.92 -1.73
CA HIS B 82 -18.15 -12.17 -1.16
C HIS B 82 -19.22 -12.98 -0.43
N ASP B 83 -20.28 -12.30 0.04
CA ASP B 83 -21.35 -12.95 0.80
C ASP B 83 -22.48 -13.25 -0.19
N PRO B 84 -22.87 -14.53 -0.33
CA PRO B 84 -23.92 -14.86 -1.30
C PRO B 84 -25.27 -14.20 -1.01
N ALA B 85 -25.49 -13.71 0.20
CA ALA B 85 -26.73 -12.99 0.50
C ALA B 85 -26.83 -11.63 -0.18
N LEU B 86 -25.71 -11.10 -0.67
CA LEU B 86 -25.69 -9.75 -1.20
C LEU B 86 -25.68 -9.72 -2.71
N HIS B 87 -26.29 -8.66 -3.25
CA HIS B 87 -26.42 -8.47 -4.69
C HIS B 87 -25.89 -7.13 -5.14
N ARG B 88 -25.63 -7.03 -6.44
CA ARG B 88 -25.21 -5.79 -7.04
C ARG B 88 -26.19 -4.69 -6.63
N GLY B 89 -25.65 -3.57 -6.16
CA GLY B 89 -26.45 -2.44 -5.71
C GLY B 89 -26.55 -2.34 -4.20
N ASP B 90 -26.37 -3.45 -3.48
CA ASP B 90 -26.35 -3.41 -2.03
C ASP B 90 -25.12 -2.64 -1.58
N ILE B 91 -25.24 -1.94 -0.46
CA ILE B 91 -24.15 -1.16 0.12
C ILE B 91 -23.73 -1.80 1.42
N VAL B 92 -22.42 -2.00 1.56
CA VAL B 92 -21.79 -2.50 2.77
C VAL B 92 -21.16 -1.35 3.53
N ILE B 93 -21.54 -1.22 4.81
CA ILE B 93 -20.90 -0.30 5.73
C ILE B 93 -19.88 -1.10 6.52
N GLY B 94 -18.63 -0.69 6.45
CA GLY B 94 -17.55 -1.48 7.01
C GLY B 94 -17.47 -1.48 8.54
N THR B 95 -18.03 -2.52 9.16
CA THR B 95 -17.84 -2.67 10.59
C THR B 95 -16.36 -2.80 10.89
N LYS B 96 -15.63 -3.50 10.02
CA LYS B 96 -14.17 -3.47 10.04
C LYS B 96 -13.68 -3.73 8.62
N SER B 97 -12.45 -3.30 8.38
CA SER B 97 -11.73 -3.63 7.16
C SER B 97 -10.40 -4.24 7.55
N PHE B 98 -9.79 -5.00 6.65
CA PHE B 98 -8.50 -5.59 6.95
C PHE B 98 -7.78 -5.91 5.66
N ASN B 99 -6.47 -6.10 5.76
CA ASN B 99 -5.66 -6.46 4.60
C ASN B 99 -5.78 -7.95 4.33
N MET B 100 -6.76 -8.28 3.51
CA MET B 100 -7.07 -9.65 3.10
C MET B 100 -5.98 -10.22 2.22
N GLY B 101 -5.22 -9.36 1.54
CA GLY B 101 -4.16 -9.84 0.66
C GLY B 101 -2.84 -10.15 1.36
N ALA B 102 -2.78 -9.92 2.66
CA ALA B 102 -1.54 -10.16 3.40
C ALA B 102 -1.42 -11.64 3.74
N TYR B 103 -0.33 -12.28 3.31
CA TYR B 103 -0.17 -13.71 3.43
C TYR B 103 1.20 -14.08 3.96
N ARG B 104 1.25 -15.02 4.91
CA ARG B 104 2.50 -15.69 5.25
C ARG B 104 2.29 -17.17 5.16
N SER B 105 3.29 -17.89 4.66
CA SER B 105 3.18 -19.34 4.57
C SER B 105 4.32 -20.04 5.28
N ASP B 106 4.01 -21.25 5.72
CA ASP B 106 4.98 -22.11 6.37
C ASP B 106 5.83 -22.82 5.32
N LEU B 107 7.04 -23.19 5.71
CA LEU B 107 8.00 -23.81 4.81
C LEU B 107 7.48 -25.14 4.27
N THR B 108 7.43 -25.25 2.94
CA THR B 108 7.15 -26.53 2.29
C THR B 108 8.09 -26.75 1.13
N PRO B 109 8.60 -27.97 0.98
CA PRO B 109 9.49 -28.21 -0.14
C PRO B 109 8.75 -28.19 -1.48
N ALA B 110 9.50 -28.04 -2.56
CA ALA B 110 8.92 -27.87 -3.88
C ALA B 110 7.98 -29.01 -4.25
N GLU B 111 8.33 -30.23 -3.84
CA GLU B 111 7.51 -31.40 -4.14
C GLU B 111 6.06 -31.29 -3.68
N GLN B 112 5.77 -30.46 -2.68
CA GLN B 112 4.43 -30.34 -2.10
C GLN B 112 3.54 -29.35 -2.83
N GLY B 113 4.11 -28.63 -3.78
CA GLY B 113 3.33 -27.71 -4.60
C GLY B 113 2.89 -26.46 -3.87
N VAL B 114 1.84 -25.83 -4.40
CA VAL B 114 1.33 -24.56 -3.86
C VAL B 114 -0.08 -24.77 -3.34
N ASP B 115 -0.32 -24.31 -2.11
CA ASP B 115 -1.64 -24.48 -1.49
C ASP B 115 -2.03 -23.20 -0.74
N PRO B 116 -2.79 -22.31 -1.41
CA PRO B 116 -3.18 -21.06 -0.76
C PRO B 116 -4.08 -21.25 0.45
N SER B 117 -4.72 -22.41 0.60
CA SER B 117 -5.58 -22.61 1.78
C SER B 117 -4.74 -22.73 3.05
N LYS B 118 -3.42 -22.86 2.90
CA LYS B 118 -2.51 -22.95 4.03
C LYS B 118 -1.90 -21.61 4.38
N TRP B 119 -2.13 -20.59 3.56
CA TRP B 119 -1.58 -19.27 3.81
C TRP B 119 -2.33 -18.63 4.98
N HIS B 120 -1.59 -17.95 5.85
CA HIS B 120 -2.16 -17.27 7.00
C HIS B 120 -2.20 -15.78 6.78
N ASN B 121 -3.20 -15.11 7.33
CA ASN B 121 -3.26 -13.66 7.25
C ASN B 121 -2.04 -13.09 7.99
N PHE B 122 -1.32 -12.17 7.34
CA PHE B 122 -0.02 -11.69 7.82
C PHE B 122 -0.23 -10.33 8.45
N GLU B 123 -0.48 -10.34 9.76
CA GLU B 123 -0.97 -9.14 10.45
C GLU B 123 0.07 -8.03 10.60
N VAL B 124 1.34 -8.32 10.38
CA VAL B 124 2.38 -7.31 10.54
C VAL B 124 2.15 -6.16 9.57
N THR B 125 1.45 -6.42 8.47
CA THR B 125 1.14 -5.40 7.46
C THR B 125 0.20 -4.32 7.99
N MET B 126 -0.47 -4.62 9.10
CA MET B 126 -1.38 -3.66 9.75
C MET B 126 -0.84 -3.15 11.08
N ARG B 127 0.38 -3.57 11.44
CA ARG B 127 1.01 -3.10 12.67
C ARG B 127 1.46 -1.66 12.51
N LEU B 128 1.23 -0.85 13.54
CA LEU B 128 1.57 0.56 13.55
C LEU B 128 2.39 0.85 14.80
N ARG B 129 2.84 2.10 14.92
CA ARG B 129 3.43 2.62 16.14
C ARG B 129 2.63 3.81 16.57
N ASP B 130 2.49 3.97 17.88
CA ASP B 130 1.76 5.10 18.45
C ASP B 130 2.69 5.68 19.50
N ASN B 131 3.06 6.95 19.31
CA ASN B 131 4.07 7.58 20.12
C ASN B 131 5.30 6.69 20.18
N GLY B 132 5.62 6.07 19.05
CA GLY B 132 6.81 5.25 18.93
C GLY B 132 6.70 3.81 19.38
N LYS B 133 5.61 3.45 20.07
CA LYS B 133 5.41 2.09 20.59
C LYS B 133 4.55 1.20 19.66
N LEU B 134 4.97 -0.05 19.44
CA LEU B 134 4.28 -0.93 18.48
C LEU B 134 2.87 -1.25 18.97
N VAL B 135 1.92 -1.18 18.05
CA VAL B 135 0.51 -1.51 18.30
C VAL B 135 0.06 -2.48 17.22
N GLU B 136 -0.28 -3.69 17.61
CA GLU B 136 -0.78 -4.67 16.68
C GLU B 136 -2.22 -4.38 16.28
N HIS B 137 -2.53 -4.68 15.03
CA HIS B 137 -3.89 -4.61 14.51
C HIS B 137 -4.16 -5.81 13.61
N SER B 138 -5.27 -6.49 13.83
CA SER B 138 -5.70 -7.57 12.94
C SER B 138 -6.77 -7.10 11.96
N SER B 139 -7.29 -5.90 12.23
CA SER B 139 -8.27 -5.22 11.39
C SER B 139 -8.36 -3.80 11.89
N PHE B 140 -9.09 -2.97 11.16
CA PHE B 140 -9.43 -1.62 11.55
C PHE B 140 -10.93 -1.50 11.63
N ALA B 141 -11.43 -1.19 12.81
CA ALA B 141 -12.87 -1.02 12.98
C ALA B 141 -13.31 0.29 12.36
N GLY B 142 -14.42 0.28 11.62
CA GLY B 142 -15.02 1.53 11.25
C GLY B 142 -15.44 2.25 12.53
N ASP B 143 -15.34 3.57 12.57
CA ASP B 143 -15.78 4.29 13.77
C ASP B 143 -17.22 3.87 14.05
N PRO B 144 -17.51 3.31 15.23
CA PRO B 144 -18.83 2.67 15.37
C PRO B 144 -20.00 3.65 15.32
N GLU B 145 -19.83 4.88 15.77
CA GLU B 145 -20.89 5.86 15.60
C GLU B 145 -21.11 6.18 14.11
N LEU B 146 -20.03 6.32 13.35
CA LEU B 146 -20.17 6.58 11.91
C LEU B 146 -20.85 5.40 11.21
N VAL B 147 -20.51 4.18 11.61
CA VAL B 147 -21.12 2.98 11.06
C VAL B 147 -22.61 2.99 11.35
N GLY B 148 -22.95 3.21 12.62
CA GLY B 148 -24.34 3.22 13.03
C GLY B 148 -25.15 4.26 12.30
N ARG B 149 -24.58 5.44 12.09
CA ARG B 149 -25.29 6.50 11.36
C ARG B 149 -25.66 6.04 9.96
N ALA B 150 -24.73 5.38 9.27
CA ALA B 150 -25.02 4.94 7.92
C ALA B 150 -26.13 3.90 7.90
N LEU B 151 -26.10 2.98 8.86
CA LEU B 151 -27.14 1.97 8.97
C LEU B 151 -28.50 2.61 9.28
N GLY B 152 -28.49 3.64 10.12
CA GLY B 152 -29.71 4.35 10.46
C GLY B 152 -30.34 5.08 9.28
N MET B 153 -29.50 5.46 8.33
CA MET B 153 -29.94 6.12 7.10
C MET B 153 -30.28 5.14 5.97
N ALA B 154 -30.31 3.84 6.25
CA ALA B 154 -30.52 2.82 5.20
C ALA B 154 -31.72 3.08 4.31
N ASP B 155 -32.84 3.50 4.88
CA ASP B 155 -34.04 3.62 4.05
C ASP B 155 -33.99 4.82 3.08
N ARG B 156 -32.99 5.68 3.21
CA ARG B 156 -32.79 6.78 2.27
C ARG B 156 -32.12 6.33 0.96
N TYR B 157 -31.54 5.14 0.98
CA TYR B 157 -30.93 4.55 -0.22
C TYR B 157 -31.94 3.63 -0.88
N ARG B 158 -32.26 3.91 -2.14
CA ARG B 158 -33.37 3.23 -2.81
C ARG B 158 -32.94 2.33 -3.96
N HIS B 159 -31.70 1.88 -3.95
CA HIS B 159 -31.20 1.01 -5.03
C HIS B 159 -30.61 -0.30 -4.51
N GLY B 160 -30.95 -0.66 -3.28
CA GLY B 160 -30.48 -1.89 -2.68
C GLY B 160 -30.56 -1.80 -1.17
N ARG B 161 -30.03 -2.81 -0.50
CA ARG B 161 -30.00 -2.82 0.96
C ARG B 161 -28.71 -2.23 1.46
N VAL B 162 -28.76 -1.59 2.62
CA VAL B 162 -27.57 -1.08 3.33
C VAL B 162 -27.37 -2.00 4.52
N VAL B 163 -26.23 -2.67 4.57
CA VAL B 163 -25.96 -3.67 5.58
C VAL B 163 -24.58 -3.45 6.21
N PRO B 164 -24.42 -3.88 7.46
CA PRO B 164 -23.07 -3.93 8.01
C PRO B 164 -22.32 -5.14 7.45
N GLY B 165 -21.02 -4.98 7.25
CA GLY B 165 -20.23 -6.12 6.82
C GLY B 165 -18.74 -5.86 6.92
N ILE B 166 -17.99 -6.91 6.67
CA ILE B 166 -16.54 -6.89 6.75
C ILE B 166 -15.99 -6.68 5.36
N ILE B 167 -15.15 -5.66 5.21
CA ILE B 167 -14.55 -5.31 3.93
C ILE B 167 -13.15 -5.88 3.87
N GLY B 168 -12.91 -6.76 2.88
CA GLY B 168 -11.61 -7.34 2.65
C GLY B 168 -10.86 -6.59 1.58
N THR B 169 -9.76 -5.95 1.98
CA THR B 169 -8.97 -5.11 1.09
C THR B 169 -7.74 -5.89 0.61
N ALA B 170 -7.50 -5.86 -0.69
CA ALA B 170 -6.33 -6.51 -1.26
C ALA B 170 -6.05 -5.88 -2.60
N ASP B 171 -4.82 -5.99 -3.08
CA ASP B 171 -4.48 -5.58 -4.44
C ASP B 171 -4.91 -6.69 -5.41
N GLU B 172 -6.19 -7.06 -5.35
CA GLU B 172 -6.69 -8.22 -6.07
C GLU B 172 -8.07 -7.97 -6.60
N TRP B 173 -8.35 -8.53 -7.78
CA TRP B 173 -9.72 -8.71 -8.24
C TRP B 173 -9.88 -10.20 -8.50
N ASN B 174 -10.57 -10.86 -7.58
CA ASN B 174 -10.80 -12.30 -7.66
C ASN B 174 -12.04 -12.65 -8.43
N ARG B 175 -11.91 -13.53 -9.43
CA ARG B 175 -13.08 -14.07 -10.11
C ARG B 175 -13.09 -15.60 -10.10
N GLN B 176 -12.19 -16.23 -9.36
CA GLN B 176 -12.31 -17.67 -9.12
C GLN B 176 -13.32 -17.85 -8.01
N VAL B 177 -14.50 -18.33 -8.36
CA VAL B 177 -15.57 -18.41 -7.37
C VAL B 177 -15.17 -19.24 -6.15
N ALA B 178 -14.40 -20.31 -6.33
CA ALA B 178 -13.96 -21.10 -5.19
C ALA B 178 -13.06 -20.30 -4.25
N ARG B 179 -12.29 -19.37 -4.78
CA ARG B 179 -11.42 -18.53 -3.96
C ARG B 179 -12.28 -17.53 -3.19
N ILE B 180 -13.24 -16.91 -3.88
CA ILE B 180 -14.18 -16.01 -3.21
C ILE B 180 -14.85 -16.74 -2.06
N ASN B 181 -15.33 -17.96 -2.32
CA ASN B 181 -16.02 -18.72 -1.28
C ASN B 181 -15.09 -19.03 -0.12
N TRP B 182 -13.85 -19.40 -0.40
CA TRP B 182 -12.90 -19.70 0.67
C TRP B 182 -12.61 -18.46 1.52
N LEU B 183 -12.43 -17.34 0.86
CA LEU B 183 -12.17 -16.10 1.59
C LEU B 183 -13.36 -15.72 2.48
N HIS B 184 -14.58 -15.89 1.95
CA HIS B 184 -15.78 -15.60 2.74
C HIS B 184 -15.89 -16.54 3.95
N GLN B 185 -15.62 -17.82 3.73
CA GLN B 185 -15.71 -18.81 4.81
C GLN B 185 -14.66 -18.58 5.88
N THR B 186 -13.49 -18.12 5.47
CA THR B 186 -12.35 -17.97 6.37
C THR B 186 -12.40 -16.63 7.13
N TYR B 187 -12.81 -15.57 6.45
CA TYR B 187 -12.72 -14.21 6.99
C TYR B 187 -14.06 -13.51 7.17
N GLN B 188 -15.15 -14.15 6.77
CA GLN B 188 -16.49 -13.62 6.95
C GLN B 188 -16.70 -12.33 6.17
N THR B 189 -16.01 -12.19 5.05
CA THR B 189 -16.07 -10.99 4.24
C THR B 189 -17.43 -10.79 3.57
N ALA B 190 -17.89 -9.55 3.55
CA ALA B 190 -19.06 -9.16 2.76
C ALA B 190 -18.68 -8.87 1.31
N ALA B 191 -17.53 -8.26 1.11
CA ALA B 191 -17.12 -7.77 -0.18
C ALA B 191 -15.61 -7.56 -0.21
N GLU B 192 -15.06 -7.54 -1.43
CA GLU B 192 -13.66 -7.25 -1.65
C GLU B 192 -13.49 -5.96 -2.42
N GLU B 193 -12.45 -5.24 -2.04
C GLU B 193 -10.50 -3.77 -2.56
N MET B 194 -9.97 -2.66 -3.03
CA MET B 194 -8.53 -2.52 -3.14
C MET B 194 -7.96 -1.33 -2.37
N GLU B 195 -8.77 -0.59 -1.60
CA GLU B 195 -8.27 0.57 -0.88
C GLU B 195 -8.60 0.67 0.63
N THR B 196 -9.74 0.14 1.07
CA THR B 196 -10.32 0.57 2.35
C THR B 196 -9.37 0.41 3.53
N SER B 197 -8.81 -0.78 3.73
CA SER B 197 -8.00 -1.00 4.93
C SER B 197 -6.71 -0.21 4.90
N SER B 198 -6.27 0.20 3.71
CA SER B 198 -5.06 1.01 3.59
C SER B 198 -5.34 2.45 4.01
N ALA B 199 -6.41 3.03 3.51
CA ALA B 199 -6.86 4.32 3.99
C ALA B 199 -7.15 4.26 5.51
N ALA B 200 -7.75 3.16 5.95
CA ALA B 200 -8.09 3.01 7.36
C ALA B 200 -6.84 2.97 8.23
N LEU B 201 -5.79 2.33 7.72
CA LEU B 201 -4.52 2.24 8.44
C LEU B 201 -3.96 3.65 8.66
N VAL B 202 -3.96 4.47 7.62
CA VAL B 202 -3.46 5.83 7.75
C VAL B 202 -4.36 6.64 8.70
N ALA B 203 -5.66 6.49 8.59
CA ALA B 203 -6.58 7.19 9.50
C ALA B 203 -6.32 6.79 10.96
N GLU B 204 -6.05 5.53 11.21
CA GLU B 204 -5.72 5.07 12.56
C GLU B 204 -4.42 5.70 13.05
N ALA B 205 -3.41 5.73 12.18
CA ALA B 205 -2.13 6.35 12.54
C ALA B 205 -2.29 7.80 12.95
N TYR B 206 -3.16 8.52 12.26
CA TYR B 206 -3.41 9.94 12.55
C TYR B 206 -4.56 10.17 13.56
N LYS B 207 -5.18 9.09 14.01
CA LYS B 207 -6.27 9.14 14.99
C LYS B 207 -7.44 10.01 14.50
N VAL B 208 -7.84 9.76 13.26
CA VAL B 208 -8.97 10.43 12.64
C VAL B 208 -10.08 9.40 12.38
N PRO B 209 -11.31 9.67 12.84
CA PRO B 209 -12.41 8.74 12.59
C PRO B 209 -12.61 8.42 11.13
N PHE B 210 -12.89 7.15 10.86
CA PHE B 210 -12.94 6.61 9.51
C PHE B 210 -14.14 5.71 9.33
N VAL B 211 -14.75 5.76 8.16
CA VAL B 211 -15.73 4.77 7.79
C VAL B 211 -15.62 4.44 6.31
N GLY B 212 -15.72 3.14 6.01
CA GLY B 212 -15.79 2.64 4.65
C GLY B 212 -17.23 2.33 4.23
N ILE B 213 -17.60 2.82 3.06
CA ILE B 213 -18.94 2.65 2.51
C ILE B 213 -18.78 2.17 1.08
N ARG B 214 -19.18 0.93 0.80
CA ARG B 214 -18.94 0.33 -0.52
C ARG B 214 -20.20 -0.25 -1.13
N VAL B 215 -20.51 0.16 -2.34
CA VAL B 215 -21.60 -0.46 -3.10
C VAL B 215 -21.05 -1.65 -3.86
N LEU B 216 -21.80 -2.74 -3.92
CA LEU B 216 -21.42 -3.84 -4.78
C LEU B 216 -21.73 -3.46 -6.23
N SER B 217 -20.70 -3.26 -7.03
CA SER B 217 -20.91 -3.01 -8.46
C SER B 217 -20.95 -4.32 -9.23
N ASN B 218 -20.58 -5.41 -8.57
CA ASN B 218 -20.48 -6.72 -9.20
C ASN B 218 -20.49 -7.81 -8.16
N THR B 219 -20.94 -9.00 -8.53
CA THR B 219 -20.69 -10.18 -7.74
C THR B 219 -20.75 -11.43 -8.61
N ASP B 220 -19.67 -12.18 -8.62
CA ASP B 220 -19.63 -13.42 -9.39
C ASP B 220 -20.38 -14.54 -8.71
N LEU B 221 -20.92 -14.29 -7.52
CA LEU B 221 -21.72 -15.28 -6.84
C LEU B 221 -23.13 -15.33 -7.42
N HIS B 222 -23.50 -14.33 -8.21
CA HIS B 222 -24.81 -14.26 -8.86
C HIS B 222 -24.75 -13.89 -10.33
N GLY B 223 -23.57 -13.97 -10.94
CA GLY B 223 -23.44 -13.66 -12.35
C GLY B 223 -23.75 -12.21 -12.68
N GLU B 224 -23.53 -11.31 -11.72
CA GLU B 224 -23.82 -9.90 -11.88
C GLU B 224 -22.54 -9.13 -12.22
N GLU B 225 -22.41 -8.73 -13.48
CA GLU B 225 -21.24 -8.04 -13.96
C GLU B 225 -21.27 -6.54 -13.61
N PHE B 226 -20.11 -5.91 -13.74
CA PHE B 226 -19.94 -4.51 -13.36
C PHE B 226 -20.99 -3.58 -13.93
N ASP B 227 -21.63 -2.81 -13.05
CA ASP B 227 -22.56 -1.76 -13.44
C ASP B 227 -22.05 -0.43 -12.90
N PRO B 228 -21.54 0.46 -13.78
CA PRO B 228 -20.98 1.72 -13.28
C PRO B 228 -21.99 2.64 -12.60
N GLN B 229 -23.28 2.49 -12.90
CA GLN B 229 -24.29 3.33 -12.25
C GLN B 229 -24.30 3.13 -10.74
N THR B 230 -23.85 1.98 -10.28
CA THR B 230 -23.80 1.77 -8.83
C THR B 230 -22.87 2.78 -8.17
N ALA B 231 -21.79 3.16 -8.85
CA ALA B 231 -20.87 4.13 -8.27
C ALA B 231 -21.51 5.49 -8.06
N ILE B 232 -22.41 5.87 -8.97
CA ILE B 232 -23.13 7.14 -8.86
C ILE B 232 -24.10 7.06 -7.68
N HIS B 233 -24.82 5.95 -7.57
CA HIS B 233 -25.78 5.75 -6.47
C HIS B 233 -25.08 5.79 -5.12
N CYS B 234 -23.90 5.19 -5.03
CA CYS B 234 -23.14 5.23 -3.80
C CYS B 234 -22.78 6.67 -3.43
N GLN B 235 -22.31 7.46 -4.39
CA GLN B 235 -21.98 8.84 -4.11
C GLN B 235 -23.20 9.63 -3.65
N GLN B 236 -24.35 9.34 -4.25
CA GLN B 236 -25.58 10.03 -3.84
C GLN B 236 -25.88 9.76 -2.37
N PHE B 237 -25.74 8.50 -1.96
CA PHE B 237 -25.93 8.13 -0.56
C PHE B 237 -24.91 8.83 0.32
N VAL B 238 -23.65 8.85 -0.10
CA VAL B 238 -22.59 9.48 0.68
C VAL B 238 -22.79 10.98 0.83
N ILE B 239 -23.28 11.65 -0.21
CA ILE B 239 -23.60 13.06 -0.10
C ILE B 239 -24.67 13.30 0.98
N ASP B 240 -25.73 12.49 0.96
CA ASP B 240 -26.79 12.56 1.96
C ASP B 240 -26.19 12.34 3.37
N TYR B 241 -25.36 11.31 3.48
CA TYR B 241 -24.70 10.97 4.73
C TYR B 241 -23.81 12.10 5.25
N ALA B 242 -22.99 12.68 4.37
CA ALA B 242 -22.14 13.79 4.78
C ALA B 242 -22.98 15.00 5.19
N LYS B 243 -24.04 15.26 4.45
CA LYS B 243 -24.90 16.40 4.79
C LYS B 243 -25.53 16.20 6.17
N ALA B 244 -25.88 14.97 6.51
CA ALA B 244 -26.44 14.71 7.84
C ALA B 244 -25.40 14.97 8.94
N LEU B 245 -24.17 14.54 8.73
CA LEU B 245 -23.09 14.88 9.66
C LEU B 245 -22.96 16.39 9.80
N ILE B 246 -22.94 17.08 8.67
CA ILE B 246 -22.78 18.52 8.67
C ILE B 246 -23.90 19.24 9.42
N ASN B 247 -25.14 18.79 9.25
CA ASN B 247 -26.29 19.34 9.98
C ASN B 247 -26.03 19.28 11.49
N GLY B 248 -25.30 18.27 11.94
CA GLY B 248 -25.04 18.08 13.35
C GLY B 248 -23.83 18.79 13.90
N PHE B 249 -22.97 19.32 13.02
CA PHE B 249 -21.78 20.06 13.46
C PHE B 249 -22.22 21.41 14.02
CS MTA C . 8.71 -8.62 9.59
S5' MTA C . 8.05 -8.77 7.95
C5' MTA C . 9.46 -8.87 6.89
C4' MTA C . 10.26 -7.57 6.79
O4' MTA C . 11.42 -7.94 6.30
C2' MTA C . 10.14 -7.33 4.44
O2' MTA C . 10.27 -6.34 3.37
C3' MTA C . 9.60 -6.65 5.74
O3' MTA C . 9.92 -5.34 5.93
C1' MTA C . 11.34 -7.92 4.73
N9 MTA C . 11.61 -9.29 4.32
C8 MTA C . 12.76 -9.94 4.58
N7 MTA C . 12.73 -11.19 4.07
C5 MTA C . 11.51 -11.32 3.46
C6 MTA C . 10.93 -12.35 2.78
N6 MTA C . 11.49 -13.62 2.55
N1 MTA C . 9.70 -12.18 2.27
C2 MTA C . 9.02 -11.00 2.44
N3 MTA C . 9.58 -9.99 3.12
C4 MTA C . 10.84 -10.15 3.62
HCS1 MTA C . 9.09 -7.73 9.71
HCS2 MTA C . 8.00 -8.77 10.25
HCS3 MTA C . 9.42 -9.29 9.71
H5'1 MTA C . 10.06 -9.56 7.24
H5'2 MTA C . 9.17 -9.13 6.00
H4' MTA C . 10.35 -7.12 7.66
H2' MTA C . 9.52 -8.02 4.16
HO2' MTA C . 10.32 -5.53 3.73
H3' MTA C . 8.62 -6.76 5.77
H3T MTA C . 9.19 -4.86 6.04
H1' MTA C . 12.05 -7.34 4.38
H8 MTA C . 13.51 -9.56 5.08
H61 MTA C . 11.04 -14.22 2.04
H62 MTA C . 12.28 -13.85 2.93
H2 MTA C . 8.13 -10.89 2.07
CS MTA D . -10.11 -0.90 -11.69
S5' MTA D . -9.63 -1.88 -10.28
C5' MTA D . -11.12 -2.04 -9.33
C4' MTA D . -11.49 -0.73 -8.60
O4' MTA D . -12.75 -0.87 -8.24
C2' MTA D . -11.50 -1.56 -6.41
O2' MTA D . -11.41 -1.14 -4.99
C3' MTA D . -10.69 -0.59 -7.28
O3' MTA D . -10.60 0.72 -6.88
C1' MTA D . -12.78 -1.60 -6.84
N9 MTA D . -13.44 -2.88 -7.06
C8 MTA D . -14.69 -3.02 -7.57
N7 MTA D . -15.04 -4.32 -7.66
C5 MTA D . -13.96 -5.02 -7.21
C6 MTA D . -13.75 -6.37 -7.09
N6 MTA D . -14.64 -7.41 -7.42
N1 MTA D . -12.59 -6.79 -6.58
C2 MTA D . -11.62 -5.91 -6.21
N3 MTA D . -11.80 -4.57 -6.35
C4 MTA D . -13.00 -4.14 -6.85
HCS1 MTA D . -10.94 -1.25 -12.06
HCS2 MTA D . -10.23 0.03 -11.41
HCS3 MTA D . -9.41 -0.95 -12.37
H5'1 MTA D . -11.85 -2.27 -9.93
H5'2 MTA D . -11.01 -2.74 -8.68
H4' MTA D . -11.36 0.05 -9.17
H2' MTA D . -11.11 -2.46 -6.48
HO2' MTA D . -11.28 -0.26 -4.95
H3' MTA D . -9.78 -0.95 -7.42
H3T MTA D . -9.76 0.93 -6.76
H1' MTA D . -13.33 -1.07 -6.23
H8 MTA D . -15.27 -2.27 -7.83
H61 MTA D . -14.62 -8.18 -6.94
H62 MTA D . -15.21 -7.30 -8.12
H2 MTA D . -10.77 -6.24 -5.87
#